data_2BKW
#
_entry.id   2BKW
#
_cell.length_a   57.400
_cell.length_b   57.400
_cell.length_c   184.500
_cell.angle_alpha   90.00
_cell.angle_beta   90.00
_cell.angle_gamma   120.00
#
_symmetry.space_group_name_H-M   'P 31 2 1'
#
loop_
_entity.id
_entity.type
_entity.pdbx_description
1 polymer 'ALANINE-GLYOXYLATE AMINOTRANSFERASE 1'
2 non-polymer "PYRIDOXAL-5'-PHOSPHATE"
3 non-polymer 'GLYOXYLIC ACID'
4 water water
#
_entity_poly.entity_id   1
_entity_poly.type   'polypeptide(L)'
_entity_poly.pdbx_seq_one_letter_code
;(MSE)TKSVDTLLIPGPIILSGAVQKALDVPSLGHTSPEFVSIFQRVLKNTRAVFKSAAASKSQPFVLAGSGTLGWDIFA
SNFILSKAPNKNVLVVSTGTFSDRFADCLRSYGAQVDVVRPLKIGESVPLELITEKLSQNSYGAVTVTHVDTSTAVLSDL
KAISQAIKQTSPETFFVVDAVCSIGCEEFEFDEWGVDFALTASQKAIGAPAGLSISLCSSRF(MSE)DYALNDSKNGHVH
GYFSSLRRWTPI(MSE)ENYEAGKGAYFATPPVQLINSLDVALKEILEEGLHKRWDLHRE(MSE)SDWFKDSLVNGLQLT
SVSRYPSN(MSE)SAHGLTAVYVADPPDVIAFLKSHGVVIAGGIHKDIGPKYIRIGH(MSE)GVTACNKNLPY(MSE)KN
CFDLIKLALQRKK
;
_entity_poly.pdbx_strand_id   A
#
loop_
_chem_comp.id
_chem_comp.type
_chem_comp.name
_chem_comp.formula
GLV non-polymer 'GLYOXYLIC ACID' 'C2 H2 O3'
PLP non-polymer PYRIDOXAL-5'-PHOSPHATE 'C8 H10 N O6 P'
#
# COMPACT_ATOMS: atom_id res chain seq x y z
N LYS A 3 30.07 6.71 14.66
CA LYS A 3 28.61 6.40 14.62
C LYS A 3 28.12 6.22 13.20
N SER A 4 26.96 5.58 13.06
CA SER A 4 26.38 5.32 11.75
C SER A 4 24.93 5.79 11.66
N VAL A 5 24.32 5.52 10.51
CA VAL A 5 22.93 5.86 10.28
C VAL A 5 22.11 4.86 11.09
N ASP A 6 21.00 5.33 11.67
CA ASP A 6 20.14 4.48 12.45
C ASP A 6 19.48 3.45 11.54
N THR A 7 19.06 2.33 12.12
CA THR A 7 18.42 1.29 11.35
C THR A 7 16.93 1.60 11.30
N LEU A 8 16.42 1.84 10.11
CA LEU A 8 15.00 2.16 9.95
C LEU A 8 14.12 0.94 10.03
N LEU A 9 13.36 0.86 11.12
CA LEU A 9 12.45 -0.26 11.32
C LEU A 9 11.04 0.23 11.62
N ILE A 10 10.55 1.13 10.76
CA ILE A 10 9.20 1.67 10.86
C ILE A 10 8.45 1.17 9.63
N PRO A 11 7.11 1.26 9.65
CA PRO A 11 6.36 0.79 8.47
C PRO A 11 6.31 1.78 7.32
N GLY A 12 7.48 2.11 6.77
CA GLY A 12 7.55 3.03 5.66
C GLY A 12 7.86 4.46 6.06
N PRO A 13 8.95 5.04 5.54
CA PRO A 13 9.92 4.45 4.60
C PRO A 13 10.67 3.27 5.20
N ILE A 14 11.25 2.44 4.35
CA ILE A 14 12.02 1.29 4.82
C ILE A 14 13.43 1.35 4.25
N ILE A 15 14.31 0.53 4.80
CA ILE A 15 15.70 0.45 4.35
C ILE A 15 15.73 -0.05 2.92
N LEU A 16 16.54 0.59 2.06
CA LEU A 16 16.65 0.21 0.66
C LEU A 16 17.86 -0.65 0.44
N SER A 17 17.75 -1.60 -0.49
CA SER A 17 18.88 -2.47 -0.81
C SER A 17 19.92 -1.57 -1.47
N GLY A 18 21.15 -2.03 -1.51
CA GLY A 18 22.21 -1.24 -2.10
C GLY A 18 21.93 -0.83 -3.53
N ALA A 19 21.47 -1.76 -4.35
CA ALA A 19 21.20 -1.47 -5.74
C ALA A 19 20.17 -0.35 -5.95
N VAL A 20 19.02 -0.45 -5.30
CA VAL A 20 18.01 0.58 -5.50
C VAL A 20 18.43 1.91 -4.88
N GLN A 21 19.25 1.87 -3.84
CA GLN A 21 19.68 3.11 -3.23
C GLN A 21 20.65 3.87 -4.11
N LYS A 22 21.65 3.18 -4.64
CA LYS A 22 22.60 3.86 -5.49
C LYS A 22 22.01 4.15 -6.86
N ALA A 23 20.83 3.58 -7.11
CA ALA A 23 20.15 3.80 -8.38
C ALA A 23 19.54 5.20 -8.33
N LEU A 24 19.61 5.82 -7.15
CA LEU A 24 19.09 7.16 -6.97
C LEU A 24 20.17 8.16 -7.36
N ASP A 25 21.38 7.90 -6.93
CA ASP A 25 22.53 8.74 -7.23
C ASP A 25 22.95 8.55 -8.68
N VAL A 26 22.19 9.13 -9.58
CA VAL A 26 22.47 9.03 -11.01
C VAL A 26 22.15 10.36 -11.69
N PRO A 27 22.96 10.77 -12.68
CA PRO A 27 22.69 12.04 -13.36
C PRO A 27 21.30 12.09 -13.99
N SER A 28 20.73 13.29 -14.05
CA SER A 28 19.41 13.48 -14.62
C SER A 28 19.35 13.18 -16.11
N LEU A 29 18.25 12.56 -16.53
CA LEU A 29 18.02 12.25 -17.94
C LEU A 29 16.81 13.06 -18.35
N GLY A 30 16.74 13.44 -19.63
CA GLY A 30 15.58 14.18 -20.11
C GLY A 30 14.43 13.19 -20.08
N HIS A 31 13.26 13.63 -19.63
CA HIS A 31 12.13 12.72 -19.53
C HIS A 31 11.60 12.15 -20.85
N THR A 32 12.02 12.72 -21.97
CA THR A 32 11.55 12.19 -23.25
C THR A 32 12.71 11.58 -24.01
N SER A 33 13.86 11.48 -23.34
CA SER A 33 15.05 10.92 -23.96
C SER A 33 14.86 9.42 -24.14
N PRO A 34 15.47 8.85 -25.19
CA PRO A 34 15.33 7.41 -25.43
C PRO A 34 15.68 6.59 -24.20
N GLU A 35 16.78 6.93 -23.53
CA GLU A 35 17.18 6.17 -22.36
C GLU A 35 16.25 6.25 -21.17
N PHE A 36 15.60 7.40 -20.96
CA PHE A 36 14.68 7.47 -19.84
C PHE A 36 13.41 6.72 -20.22
N VAL A 37 12.97 6.90 -21.47
CA VAL A 37 11.78 6.21 -21.95
C VAL A 37 11.94 4.71 -21.71
N SER A 38 13.16 4.20 -21.89
CA SER A 38 13.45 2.77 -21.67
C SER A 38 13.14 2.39 -20.23
N ILE A 39 13.67 3.18 -19.31
CA ILE A 39 13.47 2.90 -17.91
C ILE A 39 11.99 2.91 -17.52
N PHE A 40 11.29 3.99 -17.85
CA PHE A 40 9.88 4.09 -17.48
C PHE A 40 9.00 3.01 -18.10
N GLN A 41 9.36 2.56 -19.30
CA GLN A 41 8.58 1.53 -19.97
C GLN A 41 8.62 0.24 -19.14
N ARG A 42 9.82 -0.13 -18.73
CA ARG A 42 10.02 -1.33 -17.92
C ARG A 42 9.23 -1.17 -16.63
N VAL A 43 9.33 0.01 -16.04
CA VAL A 43 8.67 0.32 -14.78
C VAL A 43 7.16 0.16 -14.83
N LEU A 44 6.56 0.64 -15.91
CA LEU A 44 5.13 0.57 -16.05
C LEU A 44 4.67 -0.87 -16.22
N LYS A 45 5.44 -1.65 -16.98
CA LYS A 45 5.11 -3.05 -17.20
C LYS A 45 5.36 -3.88 -15.97
N ASN A 46 6.40 -3.55 -15.21
CA ASN A 46 6.70 -4.29 -14.00
C ASN A 46 5.78 -3.86 -12.86
N THR A 47 5.17 -2.68 -13.03
CA THR A 47 4.22 -2.20 -12.05
C THR A 47 2.97 -3.08 -12.12
N ARG A 48 2.48 -3.34 -13.34
CA ARG A 48 1.31 -4.18 -13.49
C ARG A 48 1.63 -5.59 -13.03
N ALA A 49 2.86 -6.03 -13.30
CA ALA A 49 3.29 -7.35 -12.92
C ALA A 49 3.25 -7.50 -11.41
N VAL A 50 3.89 -6.56 -10.73
CA VAL A 50 3.96 -6.57 -9.28
C VAL A 50 2.58 -6.61 -8.63
N PHE A 51 1.57 -6.09 -9.32
CA PHE A 51 0.20 -6.09 -8.78
C PHE A 51 -0.48 -7.43 -9.08
N LYS A 52 0.21 -8.25 -9.87
CA LYS A 52 -0.29 -9.55 -10.30
C LYS A 52 -1.40 -9.32 -11.32
N SER A 53 -1.11 -8.46 -12.29
CA SER A 53 -2.05 -8.19 -13.34
C SER A 53 -1.38 -8.54 -14.65
N ALA A 54 -2.09 -9.25 -15.50
CA ALA A 54 -1.55 -9.65 -16.78
C ALA A 54 -1.74 -8.51 -17.79
N ALA A 55 -0.77 -8.34 -18.67
CA ALA A 55 -0.85 -7.28 -19.66
C ALA A 55 -2.16 -7.45 -20.44
N ALA A 56 -2.56 -8.70 -20.66
CA ALA A 56 -3.79 -9.00 -21.38
C ALA A 56 -5.05 -8.43 -20.72
N SER A 57 -5.00 -8.22 -19.40
CA SER A 57 -6.14 -7.67 -18.67
C SER A 57 -6.44 -6.25 -19.11
N LYS A 58 -5.53 -5.66 -19.89
CA LYS A 58 -5.69 -4.29 -20.37
C LYS A 58 -5.77 -3.29 -19.21
N SER A 59 -5.24 -3.67 -18.04
CA SER A 59 -5.24 -2.76 -16.91
C SER A 59 -4.20 -1.67 -17.19
N GLN A 60 -4.45 -0.46 -16.69
CA GLN A 60 -3.58 0.68 -16.92
C GLN A 60 -2.85 1.11 -15.65
N PRO A 61 -1.52 1.03 -15.66
CA PRO A 61 -0.71 1.42 -14.50
C PRO A 61 -0.44 2.93 -14.46
N PHE A 62 -0.22 3.47 -13.27
CA PHE A 62 0.10 4.89 -13.14
C PHE A 62 1.16 5.07 -12.10
N VAL A 63 2.24 5.71 -12.50
CA VAL A 63 3.34 5.96 -11.59
C VAL A 63 3.62 7.45 -11.67
N LEU A 64 3.38 8.16 -10.59
CA LEU A 64 3.65 9.58 -10.63
C LEU A 64 4.16 10.14 -9.31
N ALA A 65 4.81 11.30 -9.40
CA ALA A 65 5.33 11.96 -8.22
C ALA A 65 4.18 12.18 -7.22
N GLY A 66 4.43 11.81 -5.97
CA GLY A 66 3.45 11.95 -4.92
C GLY A 66 3.72 10.88 -3.90
N SER A 67 2.76 10.61 -3.03
CA SER A 67 2.94 9.56 -2.02
C SER A 67 1.73 8.62 -2.10
N GLY A 68 1.72 7.58 -1.28
CA GLY A 68 0.59 6.67 -1.30
C GLY A 68 -0.73 7.41 -1.25
N THR A 69 -0.81 8.41 -0.38
CA THR A 69 -2.02 9.21 -0.21
C THR A 69 -2.60 9.73 -1.51
N LEU A 70 -1.74 10.02 -2.48
CA LEU A 70 -2.21 10.54 -3.76
C LEU A 70 -3.17 9.53 -4.36
N GLY A 71 -2.90 8.24 -4.15
CA GLY A 71 -3.76 7.20 -4.65
C GLY A 71 -5.23 7.43 -4.31
N TRP A 72 -5.47 7.95 -3.11
CA TRP A 72 -6.85 8.21 -2.70
C TRP A 72 -7.41 9.31 -3.58
N ASP A 73 -6.70 10.43 -3.66
CA ASP A 73 -7.15 11.55 -4.47
C ASP A 73 -7.40 11.11 -5.90
N ILE A 74 -6.51 10.28 -6.44
CA ILE A 74 -6.67 9.80 -7.80
C ILE A 74 -7.96 9.01 -7.97
N PHE A 75 -8.20 8.03 -7.10
CA PHE A 75 -9.42 7.27 -7.21
C PHE A 75 -10.65 8.15 -7.02
N ALA A 76 -10.70 8.89 -5.92
CA ALA A 76 -11.83 9.77 -5.64
C ALA A 76 -12.13 10.73 -6.79
N SER A 77 -11.09 11.41 -7.26
CA SER A 77 -11.25 12.40 -8.31
C SER A 77 -11.71 11.81 -9.62
N ASN A 78 -11.37 10.55 -9.85
CA ASN A 78 -11.76 9.90 -11.10
C ASN A 78 -13.05 9.08 -11.00
N PHE A 79 -13.49 8.84 -9.77
CA PHE A 79 -14.73 8.14 -9.56
C PHE A 79 -15.83 9.20 -9.45
N ILE A 80 -15.71 10.11 -8.50
CA ILE A 80 -16.71 11.16 -8.33
C ILE A 80 -16.59 12.23 -9.42
N LEU A 81 -16.83 11.83 -10.65
CA LEU A 81 -16.74 12.76 -11.77
C LEU A 81 -17.95 13.72 -11.70
N SER A 82 -17.95 14.74 -12.55
CA SER A 82 -18.99 15.75 -12.56
C SER A 82 -20.42 15.26 -12.64
N LYS A 83 -20.64 14.17 -13.37
CA LYS A 83 -21.98 13.60 -13.52
C LYS A 83 -22.04 12.19 -12.94
N ALA A 84 -21.19 11.92 -11.96
CA ALA A 84 -21.13 10.60 -11.33
C ALA A 84 -22.52 10.06 -11.02
N PRO A 85 -22.89 8.93 -11.64
CA PRO A 85 -24.19 8.26 -11.46
C PRO A 85 -24.41 7.71 -10.06
N ASN A 86 -23.35 7.22 -9.44
CA ASN A 86 -23.46 6.68 -8.08
C ASN A 86 -22.29 7.24 -7.27
N LYS A 87 -22.58 8.13 -6.33
CA LYS A 87 -21.54 8.75 -5.50
C LYS A 87 -21.34 8.06 -4.17
N ASN A 88 -22.15 7.05 -3.89
CA ASN A 88 -22.05 6.30 -2.63
C ASN A 88 -20.87 5.36 -2.62
N VAL A 89 -20.05 5.47 -1.58
CA VAL A 89 -18.88 4.63 -1.43
C VAL A 89 -18.96 4.00 -0.06
N LEU A 90 -18.64 2.71 0.00
CA LEU A 90 -18.66 2.00 1.27
C LEU A 90 -17.20 1.76 1.62
N VAL A 91 -16.82 2.30 2.77
CA VAL A 91 -15.45 2.18 3.24
C VAL A 91 -15.32 1.12 4.31
N VAL A 92 -14.48 0.12 4.04
CA VAL A 92 -14.24 -0.96 4.99
C VAL A 92 -13.05 -0.49 5.82
N SER A 93 -13.31 -0.15 7.08
CA SER A 93 -12.27 0.35 7.96
C SER A 93 -11.67 -0.64 8.95
N THR A 94 -10.35 -0.72 8.95
CA THR A 94 -9.63 -1.60 9.85
C THR A 94 -8.64 -0.77 10.67
N GLY A 95 -8.72 0.54 10.50
CA GLY A 95 -7.83 1.43 11.22
C GLY A 95 -7.82 2.85 10.69
N THR A 96 -6.85 3.62 11.17
CA THR A 96 -6.69 5.02 10.83
C THR A 96 -6.71 5.40 9.36
N PHE A 97 -5.98 4.64 8.53
CA PHE A 97 -5.91 4.96 7.12
C PHE A 97 -7.20 4.71 6.37
N SER A 98 -7.97 3.71 6.79
CA SER A 98 -9.25 3.44 6.14
C SER A 98 -10.08 4.71 6.35
N ASP A 99 -10.05 5.21 7.59
CA ASP A 99 -10.79 6.42 7.96
C ASP A 99 -10.32 7.64 7.18
N ARG A 100 -9.02 7.84 7.10
CA ARG A 100 -8.50 8.98 6.37
C ARG A 100 -8.87 8.88 4.90
N PHE A 101 -8.97 7.66 4.40
CA PHE A 101 -9.36 7.44 3.02
C PHE A 101 -10.83 7.88 2.92
N ALA A 102 -11.60 7.57 3.97
CA ALA A 102 -13.01 7.95 4.02
C ALA A 102 -13.11 9.47 3.94
N ASP A 103 -12.24 10.15 4.68
CA ASP A 103 -12.21 11.60 4.67
C ASP A 103 -11.99 12.09 3.25
N CYS A 104 -10.89 11.64 2.67
CA CYS A 104 -10.53 12.02 1.31
C CYS A 104 -11.74 11.84 0.41
N LEU A 105 -12.36 10.66 0.51
CA LEU A 105 -13.52 10.37 -0.29
C LEU A 105 -14.60 11.46 -0.13
N ARG A 106 -14.94 11.77 1.12
CA ARG A 106 -15.94 12.80 1.37
C ARG A 106 -15.52 14.17 0.82
N SER A 107 -14.25 14.52 0.99
CA SER A 107 -13.74 15.80 0.51
C SER A 107 -13.97 15.95 -0.98
N TYR A 108 -14.09 14.81 -1.67
CA TYR A 108 -14.30 14.80 -3.10
C TYR A 108 -15.77 14.75 -3.52
N GLY A 109 -16.66 14.69 -2.54
CA GLY A 109 -18.07 14.66 -2.86
C GLY A 109 -18.76 13.32 -2.79
N ALA A 110 -18.09 12.32 -2.25
CA ALA A 110 -18.68 10.99 -2.16
C ALA A 110 -19.46 10.85 -0.88
N GLN A 111 -20.59 10.16 -0.94
CA GLN A 111 -21.42 9.91 0.23
C GLN A 111 -20.83 8.63 0.79
N VAL A 112 -20.11 8.76 1.89
CA VAL A 112 -19.44 7.61 2.48
C VAL A 112 -20.13 6.92 3.65
N ASP A 113 -20.07 5.58 3.63
CA ASP A 113 -20.61 4.74 4.68
C ASP A 113 -19.39 3.98 5.21
N VAL A 114 -19.28 3.87 6.52
CA VAL A 114 -18.14 3.18 7.10
C VAL A 114 -18.56 1.96 7.88
N VAL A 115 -17.93 0.83 7.55
CA VAL A 115 -18.20 -0.40 8.25
C VAL A 115 -16.89 -0.72 8.97
N ARG A 116 -17.00 -1.04 10.26
CA ARG A 116 -15.83 -1.30 11.07
C ARG A 116 -15.77 -2.70 11.70
N PRO A 117 -14.67 -3.01 12.40
CA PRO A 117 -14.53 -4.33 13.03
C PRO A 117 -15.27 -4.34 14.36
N LEU A 118 -15.43 -5.52 14.94
CA LEU A 118 -16.11 -5.62 16.23
C LEU A 118 -15.19 -5.16 17.34
N LYS A 119 -13.88 -5.26 17.10
CA LYS A 119 -12.88 -4.86 18.08
C LYS A 119 -11.66 -4.35 17.32
N ILE A 120 -10.88 -3.48 17.95
CA ILE A 120 -9.68 -2.97 17.30
C ILE A 120 -8.67 -4.10 17.16
N GLY A 121 -8.04 -4.18 15.99
CA GLY A 121 -7.07 -5.23 15.75
C GLY A 121 -7.67 -6.43 15.02
N GLU A 122 -8.88 -6.24 14.52
CA GLU A 122 -9.58 -7.29 13.79
C GLU A 122 -10.00 -6.72 12.45
N SER A 123 -10.33 -7.62 11.53
CA SER A 123 -10.81 -7.18 10.23
C SER A 123 -12.32 -7.04 10.39
N VAL A 124 -12.98 -6.41 9.43
CA VAL A 124 -14.42 -6.24 9.49
C VAL A 124 -15.03 -7.58 9.13
N PRO A 125 -16.07 -8.02 9.86
CA PRO A 125 -16.70 -9.30 9.55
C PRO A 125 -17.23 -9.30 8.12
N LEU A 126 -16.91 -10.34 7.37
CA LEU A 126 -17.34 -10.44 5.99
C LEU A 126 -18.85 -10.34 5.82
N GLU A 127 -19.59 -10.96 6.73
CA GLU A 127 -21.05 -10.93 6.64
C GLU A 127 -21.61 -9.54 6.78
N LEU A 128 -20.92 -8.71 7.55
CA LEU A 128 -21.36 -7.34 7.75
C LEU A 128 -21.11 -6.58 6.46
N ILE A 129 -20.03 -6.92 5.78
CA ILE A 129 -19.70 -6.25 4.53
C ILE A 129 -20.77 -6.60 3.49
N THR A 130 -21.09 -7.89 3.34
CA THR A 130 -22.09 -8.26 2.35
C THR A 130 -23.44 -7.63 2.73
N GLU A 131 -23.75 -7.65 4.02
CA GLU A 131 -24.99 -7.08 4.54
C GLU A 131 -25.08 -5.65 4.04
N LYS A 132 -24.03 -4.87 4.29
CA LYS A 132 -23.99 -3.48 3.87
C LYS A 132 -24.04 -3.35 2.35
N LEU A 133 -23.42 -4.29 1.65
CA LEU A 133 -23.41 -4.27 0.20
C LEU A 133 -24.78 -4.56 -0.38
N SER A 134 -25.63 -5.22 0.41
CA SER A 134 -26.97 -5.57 -0.02
C SER A 134 -28.01 -4.50 0.27
N GLN A 135 -28.09 -4.06 1.52
CA GLN A 135 -29.07 -3.06 1.92
C GLN A 135 -28.95 -1.73 1.16
N ASN A 136 -27.86 -1.59 0.39
CA ASN A 136 -27.61 -0.38 -0.40
C ASN A 136 -26.82 -0.75 -1.64
N SER A 137 -26.77 0.14 -2.62
CA SER A 137 -26.01 -0.11 -3.83
C SER A 137 -24.91 0.96 -3.93
N TYR A 138 -23.68 0.54 -3.62
CA TYR A 138 -22.54 1.46 -3.67
C TYR A 138 -21.87 1.47 -5.01
N GLY A 139 -21.43 2.65 -5.43
CA GLY A 139 -20.75 2.75 -6.70
C GLY A 139 -19.35 2.15 -6.56
N ALA A 140 -18.85 2.11 -5.33
CA ALA A 140 -17.53 1.58 -5.05
C ALA A 140 -17.35 1.23 -3.59
N VAL A 141 -16.45 0.31 -3.33
CA VAL A 141 -16.14 -0.09 -1.97
C VAL A 141 -14.63 -0.13 -1.83
N THR A 142 -14.13 0.41 -0.73
CA THR A 142 -12.70 0.43 -0.50
C THR A 142 -12.34 -0.46 0.67
N VAL A 143 -11.14 -1.00 0.61
CA VAL A 143 -10.61 -1.84 1.65
C VAL A 143 -9.15 -1.50 1.73
N THR A 144 -8.64 -1.39 2.95
CA THR A 144 -7.25 -1.07 3.18
C THR A 144 -6.62 -2.44 3.42
N HIS A 145 -6.00 -3.01 2.41
CA HIS A 145 -5.43 -4.34 2.53
C HIS A 145 -4.70 -4.57 3.85
N VAL A 146 -3.82 -3.64 4.20
CA VAL A 146 -3.11 -3.71 5.46
C VAL A 146 -3.17 -2.32 6.03
N ASP A 147 -3.80 -2.16 7.18
CA ASP A 147 -3.84 -0.84 7.77
C ASP A 147 -2.64 -0.77 8.68
N THR A 148 -1.73 0.14 8.36
CA THR A 148 -0.51 0.32 9.11
C THR A 148 -0.70 0.84 10.54
N SER A 149 -1.87 1.36 10.86
CA SER A 149 -2.09 1.88 12.20
C SER A 149 -2.37 0.73 13.17
N THR A 150 -3.09 -0.27 12.69
CA THR A 150 -3.46 -1.43 13.51
C THR A 150 -2.70 -2.68 13.12
N ALA A 151 -2.01 -2.61 11.98
CA ALA A 151 -1.25 -3.76 11.46
C ALA A 151 -2.19 -4.91 11.19
N VAL A 152 -3.39 -4.57 10.70
CA VAL A 152 -4.42 -5.55 10.39
C VAL A 152 -4.48 -5.89 8.90
N LEU A 153 -4.64 -7.18 8.63
CA LEU A 153 -4.73 -7.70 7.27
C LEU A 153 -6.16 -8.11 6.97
N SER A 154 -6.71 -7.60 5.87
CA SER A 154 -8.07 -7.94 5.45
C SER A 154 -8.00 -9.03 4.40
N ASP A 155 -9.01 -9.90 4.39
CA ASP A 155 -9.06 -11.00 3.44
C ASP A 155 -9.64 -10.46 2.14
N LEU A 156 -8.79 -10.09 1.21
CA LEU A 156 -9.25 -9.55 -0.06
C LEU A 156 -9.96 -10.59 -0.93
N LYS A 157 -9.52 -11.84 -0.84
CA LYS A 157 -10.11 -12.91 -1.61
C LYS A 157 -11.59 -13.01 -1.23
N ALA A 158 -11.86 -13.00 0.08
CA ALA A 158 -13.20 -13.12 0.58
C ALA A 158 -14.03 -11.91 0.20
N ILE A 159 -13.55 -10.72 0.54
CA ILE A 159 -14.26 -9.50 0.23
C ILE A 159 -14.53 -9.37 -1.26
N SER A 160 -13.54 -9.72 -2.09
CA SER A 160 -13.75 -9.64 -3.53
C SER A 160 -14.89 -10.56 -3.99
N GLN A 161 -15.04 -11.73 -3.37
CA GLN A 161 -16.10 -12.66 -3.74
C GLN A 161 -17.45 -12.12 -3.26
N ALA A 162 -17.47 -11.51 -2.09
CA ALA A 162 -18.72 -10.94 -1.56
C ALA A 162 -19.21 -9.83 -2.49
N ILE A 163 -18.27 -9.10 -3.09
CA ILE A 163 -18.63 -8.02 -4.01
C ILE A 163 -19.18 -8.60 -5.28
N LYS A 164 -18.46 -9.58 -5.83
CA LYS A 164 -18.88 -10.23 -7.06
C LYS A 164 -20.25 -10.83 -6.87
N GLN A 165 -20.51 -11.28 -5.66
CA GLN A 165 -21.75 -11.94 -5.31
C GLN A 165 -22.92 -11.02 -5.02
N THR A 166 -22.66 -9.99 -4.22
CA THR A 166 -23.69 -9.07 -3.77
C THR A 166 -23.86 -7.79 -4.57
N SER A 167 -22.78 -7.31 -5.19
CA SER A 167 -22.86 -6.06 -5.92
C SER A 167 -21.71 -6.03 -6.93
N PRO A 168 -21.76 -6.90 -7.94
CA PRO A 168 -20.69 -6.97 -8.94
C PRO A 168 -20.31 -5.65 -9.65
N GLU A 169 -21.29 -4.79 -9.85
CA GLU A 169 -21.07 -3.51 -10.52
C GLU A 169 -20.25 -2.52 -9.68
N THR A 170 -20.30 -2.66 -8.36
CA THR A 170 -19.56 -1.75 -7.49
C THR A 170 -18.06 -1.95 -7.67
N PHE A 171 -17.33 -0.84 -7.83
CA PHE A 171 -15.90 -0.90 -8.03
C PHE A 171 -15.13 -1.34 -6.79
N PHE A 172 -14.21 -2.27 -6.97
CA PHE A 172 -13.41 -2.81 -5.89
C PHE A 172 -12.11 -2.02 -5.82
N VAL A 173 -12.00 -1.15 -4.81
CA VAL A 173 -10.83 -0.31 -4.61
C VAL A 173 -10.01 -0.79 -3.41
N VAL A 174 -8.72 -0.99 -3.62
CA VAL A 174 -7.86 -1.46 -2.56
C VAL A 174 -6.68 -0.54 -2.25
N ASP A 175 -6.54 -0.18 -0.99
CA ASP A 175 -5.41 0.65 -0.57
C ASP A 175 -4.35 -0.40 -0.26
N ALA A 176 -3.46 -0.63 -1.22
CA ALA A 176 -2.43 -1.65 -1.08
C ALA A 176 -1.06 -1.08 -0.71
N VAL A 177 -1.06 0.15 -0.25
CA VAL A 177 0.17 0.84 0.12
C VAL A 177 1.13 0.01 0.97
N CYS A 178 0.60 -0.72 1.94
CA CYS A 178 1.44 -1.51 2.81
C CYS A 178 1.26 -3.02 2.62
N SER A 179 0.85 -3.43 1.42
CA SER A 179 0.66 -4.86 1.15
C SER A 179 1.39 -5.31 -0.10
N ILE A 180 1.38 -4.49 -1.13
CA ILE A 180 2.06 -4.88 -2.35
C ILE A 180 3.53 -5.04 -2.07
N GLY A 181 4.04 -6.23 -2.40
CA GLY A 181 5.44 -6.50 -2.16
C GLY A 181 5.69 -7.39 -0.96
N CYS A 182 4.73 -7.52 -0.05
CA CYS A 182 4.93 -8.36 1.11
C CYS A 182 3.71 -9.21 1.47
N GLU A 183 2.57 -8.91 0.84
CA GLU A 183 1.35 -9.65 1.08
C GLU A 183 0.80 -10.20 -0.24
N GLU A 184 0.19 -11.38 -0.19
CA GLU A 184 -0.40 -11.96 -1.37
C GLU A 184 -1.44 -10.96 -1.85
N PHE A 185 -1.38 -10.60 -3.13
CA PHE A 185 -2.31 -9.65 -3.71
C PHE A 185 -2.51 -10.00 -5.17
N GLU A 186 -3.74 -10.29 -5.56
CA GLU A 186 -4.06 -10.68 -6.94
C GLU A 186 -5.01 -9.71 -7.62
N PHE A 187 -4.47 -8.72 -8.32
CA PHE A 187 -5.30 -7.72 -8.99
C PHE A 187 -6.32 -8.31 -9.93
N ASP A 188 -5.84 -9.08 -10.90
CA ASP A 188 -6.72 -9.71 -11.89
C ASP A 188 -7.67 -10.73 -11.28
N GLU A 189 -7.12 -11.68 -10.56
CA GLU A 189 -7.91 -12.73 -9.96
C GLU A 189 -9.00 -12.24 -9.03
N TRP A 190 -8.67 -11.29 -8.16
CA TRP A 190 -9.66 -10.79 -7.20
C TRP A 190 -10.60 -9.71 -7.73
N GLY A 191 -10.46 -9.35 -8.99
CA GLY A 191 -11.33 -8.36 -9.59
C GLY A 191 -11.20 -6.96 -9.03
N VAL A 192 -9.98 -6.56 -8.68
CA VAL A 192 -9.73 -5.23 -8.15
C VAL A 192 -9.82 -4.22 -9.30
N ASP A 193 -10.52 -3.12 -9.08
CA ASP A 193 -10.66 -2.11 -10.12
C ASP A 193 -9.66 -0.99 -9.99
N PHE A 194 -9.28 -0.70 -8.75
CA PHE A 194 -8.31 0.34 -8.50
C PHE A 194 -7.51 -0.04 -7.27
N ALA A 195 -6.21 -0.19 -7.46
CA ALA A 195 -5.31 -0.52 -6.38
C ALA A 195 -4.25 0.58 -6.34
N LEU A 196 -3.88 0.98 -5.13
CA LEU A 196 -2.88 2.03 -4.99
C LEU A 196 -1.86 1.61 -3.97
N THR A 197 -0.60 1.91 -4.28
CA THR A 197 0.48 1.62 -3.35
C THR A 197 1.48 2.76 -3.38
N ALA A 198 2.51 2.63 -2.57
CA ALA A 198 3.52 3.68 -2.49
C ALA A 198 4.87 3.09 -2.84
N SER A 199 5.88 3.94 -2.92
CA SER A 199 7.19 3.45 -3.25
C SER A 199 8.02 3.03 -2.02
N GLN A 200 7.78 3.68 -0.87
CA GLN A 200 8.56 3.38 0.35
C GLN A 200 8.18 2.21 1.24
N LYS A 201 7.12 1.49 0.92
CA LYS A 201 6.78 0.37 1.78
C LYS A 201 7.46 -0.88 1.22
N ALA A 202 6.77 -2.02 1.22
CA ALA A 202 7.34 -3.28 0.74
C ALA A 202 7.92 -3.30 -0.68
N ILE A 203 7.65 -2.28 -1.48
CA ILE A 203 8.21 -2.26 -2.83
C ILE A 203 9.73 -2.00 -2.73
N GLY A 204 10.15 -1.44 -1.60
CA GLY A 204 11.56 -1.19 -1.38
C GLY A 204 12.20 -0.12 -2.23
N ALA A 205 11.44 0.93 -2.53
CA ALA A 205 11.96 2.03 -3.32
C ALA A 205 11.96 3.29 -2.46
N PRO A 206 12.62 4.35 -2.92
CA PRO A 206 12.64 5.60 -2.16
C PRO A 206 11.24 6.19 -2.09
N ALA A 207 10.99 7.10 -1.16
CA ALA A 207 9.69 7.73 -1.06
C ALA A 207 9.57 8.78 -2.15
N GLY A 208 8.35 9.07 -2.59
CA GLY A 208 8.17 10.08 -3.60
C GLY A 208 7.31 9.71 -4.78
N LEU A 209 6.88 8.46 -4.82
CA LEU A 209 6.04 8.00 -5.92
C LEU A 209 4.71 7.41 -5.48
N SER A 210 3.68 7.67 -6.28
CA SER A 210 2.36 7.09 -6.04
C SER A 210 2.31 6.07 -7.15
N ILE A 211 1.98 4.83 -6.78
CA ILE A 211 1.90 3.73 -7.72
C ILE A 211 0.52 3.08 -7.66
N SER A 212 -0.29 3.30 -8.69
CA SER A 212 -1.62 2.73 -8.68
C SER A 212 -1.89 1.96 -9.96
N LEU A 213 -2.93 1.13 -9.96
CA LEU A 213 -3.29 0.34 -11.13
C LEU A 213 -4.80 0.33 -11.38
N CYS A 214 -5.19 0.60 -12.62
CA CYS A 214 -6.61 0.64 -12.98
C CYS A 214 -7.09 -0.50 -13.85
N SER A 215 -8.20 -1.10 -13.46
CA SER A 215 -8.76 -2.21 -14.22
C SER A 215 -9.42 -1.65 -15.48
N SER A 216 -9.48 -2.48 -16.52
CA SER A 216 -10.11 -2.08 -17.79
C SER A 216 -11.49 -1.50 -17.53
N ARG A 217 -12.22 -2.16 -16.66
CA ARG A 217 -13.57 -1.77 -16.27
C ARG A 217 -13.63 -0.35 -15.72
N PHE A 218 -12.78 -0.08 -14.74
CA PHE A 218 -12.76 1.23 -14.15
C PHE A 218 -12.27 2.26 -15.14
N MSE A 219 -11.23 1.91 -15.89
CA MSE A 219 -10.67 2.80 -16.90
C MSE A 219 -11.79 3.17 -17.89
O MSE A 219 -11.82 4.29 -18.41
CB MSE A 219 -9.54 2.08 -17.62
CG MSE A 219 -8.45 3.00 -18.11
SE MSE A 219 -7.61 3.92 -16.64
CE MSE A 219 -8.05 5.75 -17.14
N ASP A 220 -12.68 2.21 -18.14
CA ASP A 220 -13.83 2.38 -19.05
C ASP A 220 -14.72 3.49 -18.47
N TYR A 221 -14.97 3.40 -17.17
CA TYR A 221 -15.79 4.38 -16.46
C TYR A 221 -15.11 5.74 -16.36
N ALA A 222 -13.89 5.73 -15.84
CA ALA A 222 -13.12 6.96 -15.64
C ALA A 222 -12.94 7.86 -16.85
N LEU A 223 -12.88 7.29 -18.05
CA LEU A 223 -12.70 8.10 -19.25
C LEU A 223 -13.96 8.34 -20.07
N ASN A 224 -15.11 7.90 -19.57
CA ASN A 224 -16.36 8.11 -20.29
C ASN A 224 -16.93 9.48 -19.93
N ASP A 225 -16.32 10.51 -20.51
CA ASP A 225 -16.70 11.89 -20.28
C ASP A 225 -18.17 12.20 -20.58
N SER A 226 -18.65 11.77 -21.73
CA SER A 226 -20.03 12.04 -22.12
C SER A 226 -21.03 11.49 -21.10
N LYS A 227 -20.71 10.36 -20.50
CA LYS A 227 -21.58 9.73 -19.51
C LYS A 227 -21.41 10.20 -18.07
N ASN A 228 -20.24 9.95 -17.50
CA ASN A 228 -19.95 10.30 -16.13
C ASN A 228 -19.46 11.73 -15.90
N GLY A 229 -19.17 12.43 -16.99
CA GLY A 229 -18.69 13.79 -16.84
C GLY A 229 -17.18 13.89 -16.74
N HIS A 230 -16.70 15.03 -16.26
CA HIS A 230 -15.26 15.27 -16.13
C HIS A 230 -14.72 15.26 -14.71
N VAL A 231 -13.40 15.30 -14.61
CA VAL A 231 -12.71 15.28 -13.35
C VAL A 231 -12.59 16.68 -12.77
N HIS A 232 -12.99 16.84 -11.52
CA HIS A 232 -12.86 18.12 -10.84
C HIS A 232 -11.48 18.03 -10.22
N GLY A 233 -10.49 18.40 -11.02
CA GLY A 233 -9.11 18.35 -10.61
C GLY A 233 -8.25 18.46 -11.86
N TYR A 234 -6.96 18.14 -11.74
CA TYR A 234 -6.09 18.26 -12.90
C TYR A 234 -4.93 17.29 -12.81
N PHE A 235 -4.04 17.54 -11.85
CA PHE A 235 -2.88 16.69 -11.66
C PHE A 235 -3.24 15.23 -11.44
N SER A 236 -4.40 14.98 -10.83
CA SER A 236 -4.84 13.63 -10.54
C SER A 236 -5.77 13.05 -11.60
N SER A 237 -5.88 13.74 -12.73
CA SER A 237 -6.76 13.27 -13.79
C SER A 237 -6.21 12.10 -14.58
N LEU A 238 -6.90 10.97 -14.48
CA LEU A 238 -6.51 9.79 -15.24
C LEU A 238 -6.56 10.15 -16.73
N ARG A 239 -7.57 10.92 -17.12
CA ARG A 239 -7.73 11.33 -18.51
C ARG A 239 -6.48 12.02 -19.05
N ARG A 240 -5.82 12.81 -18.21
CA ARG A 240 -4.64 13.50 -18.66
C ARG A 240 -3.36 12.65 -18.64
N TRP A 241 -3.28 11.70 -17.71
CA TRP A 241 -2.11 10.84 -17.59
C TRP A 241 -2.10 9.56 -18.43
N THR A 242 -3.27 9.07 -18.79
CA THR A 242 -3.33 7.84 -19.55
C THR A 242 -2.45 7.88 -20.80
N PRO A 243 -2.66 8.86 -21.70
CA PRO A 243 -1.85 8.94 -22.91
C PRO A 243 -0.36 8.90 -22.62
N ILE A 244 0.02 9.47 -21.47
CA ILE A 244 1.43 9.52 -21.08
C ILE A 244 1.93 8.14 -20.66
N MSE A 245 1.20 7.46 -19.79
CA MSE A 245 1.59 6.14 -19.35
C MSE A 245 1.54 5.20 -20.55
O MSE A 245 2.36 4.29 -20.68
CB MSE A 245 0.66 5.63 -18.26
CG MSE A 245 0.65 6.45 -17.01
SE MSE A 245 2.41 6.75 -16.26
CE MSE A 245 2.23 8.60 -15.77
N GLU A 246 0.58 5.40 -21.44
CA GLU A 246 0.47 4.55 -22.61
C GLU A 246 1.69 4.69 -23.50
N ASN A 247 2.03 5.91 -23.89
CA ASN A 247 3.19 6.12 -24.73
C ASN A 247 4.43 5.54 -24.07
N TYR A 248 4.67 5.88 -22.82
CA TYR A 248 5.84 5.37 -22.16
C TYR A 248 5.92 3.84 -22.20
N GLU A 249 4.79 3.16 -22.00
CA GLU A 249 4.79 1.71 -22.03
C GLU A 249 5.09 1.23 -23.45
N ALA A 250 4.71 2.03 -24.43
CA ALA A 250 4.96 1.69 -25.83
C ALA A 250 6.35 2.18 -26.22
N GLY A 251 7.15 2.56 -25.22
CA GLY A 251 8.48 3.04 -25.48
C GLY A 251 8.48 4.31 -26.33
N LYS A 252 7.42 5.10 -26.20
CA LYS A 252 7.29 6.31 -27.00
C LYS A 252 7.75 7.59 -26.31
N GLY A 253 7.24 7.86 -25.11
CA GLY A 253 7.64 9.09 -24.44
C GLY A 253 6.87 10.31 -24.93
N ALA A 254 6.13 10.92 -24.02
CA ALA A 254 5.32 12.10 -24.33
C ALA A 254 5.42 12.98 -23.08
N TYR A 255 4.52 13.95 -22.92
CA TYR A 255 4.61 14.80 -21.74
C TYR A 255 3.38 15.52 -21.22
N PHE A 256 3.13 15.35 -19.93
CA PHE A 256 2.03 16.04 -19.25
C PHE A 256 2.66 16.82 -18.09
N ALA A 257 3.33 16.09 -17.21
CA ALA A 257 4.01 16.67 -16.06
C ALA A 257 5.29 15.86 -15.84
N THR A 258 6.42 16.56 -15.76
CA THR A 258 7.71 15.92 -15.58
C THR A 258 7.72 14.83 -14.53
N PRO A 259 8.04 13.59 -14.94
CA PRO A 259 8.08 12.48 -13.99
C PRO A 259 9.43 12.53 -13.26
N PRO A 260 9.50 11.98 -12.03
CA PRO A 260 10.73 11.97 -11.22
C PRO A 260 11.76 10.99 -11.78
N VAL A 261 12.52 11.44 -12.77
CA VAL A 261 13.51 10.59 -13.40
C VAL A 261 14.39 9.77 -12.45
N GLN A 262 15.01 10.40 -11.45
CA GLN A 262 15.85 9.63 -10.52
C GLN A 262 15.03 8.65 -9.71
N LEU A 263 13.83 9.06 -9.31
CA LEU A 263 12.97 8.17 -8.55
C LEU A 263 12.52 7.00 -9.41
N ILE A 264 12.22 7.25 -10.68
CA ILE A 264 11.75 6.19 -11.57
C ILE A 264 12.87 5.19 -11.82
N ASN A 265 14.10 5.71 -11.93
CA ASN A 265 15.27 4.89 -12.17
C ASN A 265 15.47 3.94 -10.98
N SER A 266 15.27 4.48 -9.78
CA SER A 266 15.41 3.72 -8.57
C SER A 266 14.30 2.66 -8.50
N LEU A 267 13.08 3.09 -8.80
CA LEU A 267 11.93 2.19 -8.78
C LEU A 267 12.13 1.07 -9.78
N ASP A 268 12.81 1.37 -10.89
CA ASP A 268 13.07 0.37 -11.91
C ASP A 268 13.84 -0.81 -11.31
N VAL A 269 14.90 -0.49 -10.59
CA VAL A 269 15.72 -1.50 -9.95
C VAL A 269 14.90 -2.23 -8.89
N ALA A 270 14.19 -1.48 -8.06
CA ALA A 270 13.38 -2.05 -6.98
C ALA A 270 12.36 -3.06 -7.49
N LEU A 271 11.70 -2.76 -8.60
CA LEU A 271 10.72 -3.67 -9.14
C LEU A 271 11.39 -4.92 -9.70
N LYS A 272 12.53 -4.75 -10.36
CA LYS A 272 13.24 -5.89 -10.91
C LYS A 272 13.58 -6.85 -9.79
N GLU A 273 14.19 -6.33 -8.72
CA GLU A 273 14.56 -7.18 -7.62
C GLU A 273 13.42 -8.00 -7.05
N ILE A 274 12.24 -7.40 -6.83
CA ILE A 274 11.17 -8.22 -6.27
C ILE A 274 10.67 -9.22 -7.30
N LEU A 275 10.74 -8.86 -8.58
CA LEU A 275 10.29 -9.76 -9.64
C LEU A 275 11.32 -10.82 -10.03
N GLU A 276 12.62 -10.50 -9.89
CA GLU A 276 13.66 -11.46 -10.24
C GLU A 276 13.67 -12.67 -9.33
N GLU A 277 13.32 -12.46 -8.06
CA GLU A 277 13.31 -13.59 -7.15
C GLU A 277 11.93 -14.21 -7.07
N GLY A 278 10.91 -13.45 -7.47
CA GLY A 278 9.56 -13.98 -7.45
C GLY A 278 8.70 -13.45 -6.32
N LEU A 279 7.47 -13.08 -6.65
CA LEU A 279 6.54 -12.53 -5.68
C LEU A 279 6.20 -13.51 -4.57
N HIS A 280 5.86 -14.74 -4.95
CA HIS A 280 5.51 -15.75 -3.95
C HIS A 280 6.64 -15.94 -2.96
N LYS A 281 7.85 -16.07 -3.46
CA LYS A 281 9.02 -16.24 -2.63
C LYS A 281 9.15 -15.04 -1.68
N ARG A 282 8.96 -13.85 -2.24
CA ARG A 282 9.08 -12.65 -1.46
C ARG A 282 7.97 -12.53 -0.40
N TRP A 283 6.81 -13.12 -0.66
CA TRP A 283 5.72 -13.06 0.33
C TRP A 283 6.01 -14.02 1.47
N ASP A 284 6.63 -15.16 1.16
CA ASP A 284 6.95 -16.16 2.15
C ASP A 284 8.01 -15.66 3.12
N LEU A 285 8.99 -14.93 2.58
CA LEU A 285 10.05 -14.40 3.40
C LEU A 285 9.48 -13.41 4.40
N HIS A 286 8.53 -12.60 3.95
CA HIS A 286 7.88 -11.64 4.83
C HIS A 286 7.10 -12.38 5.90
N ARG A 287 6.45 -13.47 5.49
CA ARG A 287 5.69 -14.24 6.45
C ARG A 287 6.61 -14.84 7.49
N GLU A 288 7.67 -15.51 7.05
CA GLU A 288 8.62 -16.12 7.97
C GLU A 288 9.14 -15.09 8.95
N MSE A 289 9.54 -13.94 8.44
CA MSE A 289 10.05 -12.86 9.27
C MSE A 289 8.98 -12.39 10.26
O MSE A 289 9.24 -12.28 11.45
CB MSE A 289 10.47 -11.69 8.39
CG MSE A 289 11.00 -10.49 9.14
SE MSE A 289 12.40 -10.91 10.42
CE MSE A 289 11.70 -9.88 11.89
N SER A 290 7.77 -12.15 9.75
CA SER A 290 6.67 -11.71 10.60
C SER A 290 6.32 -12.70 11.71
N ASP A 291 6.25 -13.99 11.37
CA ASP A 291 5.91 -15.00 12.37
C ASP A 291 6.96 -15.04 13.46
N TRP A 292 8.21 -15.16 13.06
CA TRP A 292 9.31 -15.22 13.99
C TRP A 292 9.29 -14.03 14.96
N PHE A 293 9.07 -12.84 14.40
CA PHE A 293 9.07 -11.65 15.21
C PHE A 293 7.89 -11.48 16.15
N LYS A 294 6.68 -11.75 15.68
CA LYS A 294 5.51 -11.60 16.55
C LYS A 294 5.56 -12.71 17.60
N ASP A 295 6.07 -13.86 17.16
CA ASP A 295 6.21 -15.00 18.03
C ASP A 295 7.08 -14.59 19.20
N SER A 296 8.22 -14.00 18.88
CA SER A 296 9.16 -13.55 19.90
C SER A 296 8.50 -12.48 20.80
N LEU A 297 7.79 -11.54 20.20
CA LEU A 297 7.15 -10.48 20.97
C LEU A 297 5.99 -10.95 21.83
N VAL A 298 5.02 -11.58 21.18
CA VAL A 298 3.82 -12.07 21.84
C VAL A 298 4.06 -13.24 22.78
N ASN A 299 4.63 -14.31 22.25
CA ASN A 299 4.93 -15.48 23.08
C ASN A 299 6.18 -15.26 23.90
N GLY A 300 7.28 -14.96 23.20
CA GLY A 300 8.54 -14.74 23.88
C GLY A 300 8.51 -13.72 25.00
N LEU A 301 8.02 -12.51 24.74
CA LEU A 301 7.99 -11.47 25.76
C LEU A 301 6.60 -11.28 26.37
N GLN A 302 5.69 -12.22 26.09
CA GLN A 302 4.34 -12.14 26.62
C GLN A 302 3.61 -10.84 26.38
N LEU A 303 3.82 -10.25 25.21
CA LEU A 303 3.16 -8.99 24.88
C LEU A 303 1.83 -9.26 24.16
N THR A 304 1.10 -8.21 23.84
CA THR A 304 -0.17 -8.36 23.15
C THR A 304 -0.14 -7.59 21.85
N SER A 305 -0.44 -8.27 20.75
CA SER A 305 -0.46 -7.63 19.45
C SER A 305 -1.70 -6.77 19.28
N VAL A 306 -1.58 -5.66 18.57
CA VAL A 306 -2.76 -4.82 18.34
C VAL A 306 -3.65 -5.58 17.37
N SER A 307 -3.03 -6.26 16.42
CA SER A 307 -3.76 -7.06 15.46
C SER A 307 -3.84 -8.45 16.11
N ARG A 308 -4.95 -9.15 15.92
CA ARG A 308 -5.09 -10.46 16.53
C ARG A 308 -4.02 -11.44 16.05
N TYR A 309 -3.26 -11.96 16.99
CA TYR A 309 -2.20 -12.90 16.69
C TYR A 309 -2.23 -14.03 17.71
N PRO A 310 -2.03 -15.28 17.24
CA PRO A 310 -1.83 -15.59 15.83
C PRO A 310 -3.16 -15.57 15.09
N SER A 311 -3.13 -15.15 13.84
CA SER A 311 -4.36 -15.07 13.05
C SER A 311 -4.03 -14.54 11.68
N ASN A 312 -4.95 -14.71 10.74
CA ASN A 312 -4.74 -14.21 9.39
C ASN A 312 -5.08 -12.74 9.35
N MSE A 313 -5.36 -12.17 10.52
CA MSE A 313 -5.70 -10.76 10.59
C MSE A 313 -4.44 -9.93 10.82
O MSE A 313 -4.46 -8.71 10.73
CB MSE A 313 -6.72 -10.52 11.71
CG MSE A 313 -7.97 -11.37 11.55
SE MSE A 313 -9.51 -10.84 12.63
CE MSE A 313 -8.65 -10.61 14.31
N SER A 314 -3.32 -10.60 11.11
CA SER A 314 -2.07 -9.89 11.36
C SER A 314 -1.23 -9.79 10.11
N ALA A 315 -1.01 -8.56 9.65
CA ALA A 315 -0.19 -8.29 8.47
C ALA A 315 1.24 -8.80 8.70
N HIS A 316 1.93 -9.06 7.59
CA HIS A 316 3.29 -9.55 7.68
C HIS A 316 4.31 -8.46 7.40
N GLY A 317 3.82 -7.28 7.05
CA GLY A 317 4.72 -6.18 6.76
C GLY A 317 5.12 -5.39 7.98
N LEU A 318 4.44 -5.60 9.10
CA LEU A 318 4.77 -4.87 10.33
C LEU A 318 4.19 -5.55 11.55
N THR A 319 4.52 -5.00 12.71
CA THR A 319 4.02 -5.50 13.98
C THR A 319 3.58 -4.32 14.81
N ALA A 320 2.44 -4.47 15.45
CA ALA A 320 1.91 -3.42 16.31
C ALA A 320 1.63 -4.10 17.63
N VAL A 321 2.46 -3.85 18.62
CA VAL A 321 2.26 -4.46 19.91
C VAL A 321 2.10 -3.43 21.02
N TYR A 322 1.15 -3.70 21.92
CA TYR A 322 0.90 -2.81 23.03
C TYR A 322 2.08 -2.89 23.98
N VAL A 323 2.39 -1.79 24.65
CA VAL A 323 3.51 -1.74 25.57
C VAL A 323 3.18 -0.74 26.68
N ALA A 324 3.73 -0.96 27.87
CA ALA A 324 3.49 -0.09 29.01
C ALA A 324 3.87 1.36 28.74
N ASP A 325 5.12 1.57 28.34
CA ASP A 325 5.61 2.90 28.05
C ASP A 325 6.24 2.95 26.65
N PRO A 326 5.41 3.12 25.61
CA PRO A 326 5.88 3.18 24.23
C PRO A 326 7.01 4.18 24.02
N PRO A 327 6.84 5.42 24.52
CA PRO A 327 7.89 6.43 24.36
C PRO A 327 9.25 5.93 24.86
N ASP A 328 9.26 5.36 26.05
CA ASP A 328 10.50 4.84 26.63
C ASP A 328 11.13 3.76 25.77
N VAL A 329 10.33 2.80 25.31
CA VAL A 329 10.84 1.73 24.47
C VAL A 329 11.42 2.32 23.19
N ILE A 330 10.69 3.25 22.58
CA ILE A 330 11.14 3.90 21.35
C ILE A 330 12.42 4.70 21.59
N ALA A 331 12.46 5.44 22.68
CA ALA A 331 13.63 6.26 23.00
C ALA A 331 14.82 5.36 23.25
N PHE A 332 14.57 4.25 23.94
CA PHE A 332 15.62 3.32 24.27
C PHE A 332 16.23 2.74 23.00
N LEU A 333 15.38 2.30 22.08
CA LEU A 333 15.90 1.73 20.84
C LEU A 333 16.66 2.81 20.07
N LYS A 334 16.10 4.02 20.06
CA LYS A 334 16.72 5.12 19.34
C LYS A 334 18.16 5.31 19.81
N SER A 335 18.32 5.49 21.11
CA SER A 335 19.65 5.71 21.69
C SER A 335 20.65 4.71 21.17
N HIS A 336 20.18 3.49 20.86
CA HIS A 336 21.06 2.45 20.35
C HIS A 336 21.04 2.27 18.83
N GLY A 337 20.70 3.34 18.12
CA GLY A 337 20.70 3.30 16.68
C GLY A 337 19.57 2.58 15.96
N VAL A 338 18.39 2.53 16.54
CA VAL A 338 17.28 1.86 15.90
C VAL A 338 16.01 2.66 16.00
N VAL A 339 15.37 2.87 14.86
CA VAL A 339 14.15 3.66 14.83
C VAL A 339 12.89 2.84 14.59
N ILE A 340 11.99 2.85 15.57
CA ILE A 340 10.72 2.16 15.42
C ILE A 340 9.70 3.27 15.58
N ALA A 341 8.43 2.96 15.37
CA ALA A 341 7.42 3.99 15.45
C ALA A 341 6.43 3.94 16.60
N GLY A 342 5.71 5.06 16.75
CA GLY A 342 4.69 5.21 17.75
C GLY A 342 3.37 4.71 17.18
N GLY A 343 2.28 5.02 17.88
CA GLY A 343 0.96 4.54 17.48
C GLY A 343 0.09 5.13 16.39
N ILE A 344 0.07 6.44 16.20
CA ILE A 344 -0.82 7.02 15.18
C ILE A 344 -2.21 6.35 15.06
N HIS A 345 -3.08 6.60 16.03
CA HIS A 345 -4.44 6.05 16.02
C HIS A 345 -5.30 6.88 16.96
N LYS A 346 -6.46 7.29 16.46
CA LYS A 346 -7.39 8.11 17.22
C LYS A 346 -7.67 7.64 18.65
N ASP A 347 -7.62 6.32 18.87
CA ASP A 347 -7.91 5.78 20.20
C ASP A 347 -6.73 5.19 20.99
N ILE A 348 -6.18 4.09 20.50
CA ILE A 348 -5.08 3.42 21.18
C ILE A 348 -3.73 4.09 20.92
N GLY A 349 -3.76 5.16 20.13
CA GLY A 349 -2.56 5.90 19.77
C GLY A 349 -1.30 5.80 20.63
N PRO A 350 -1.32 6.31 21.87
CA PRO A 350 -0.11 6.21 22.69
C PRO A 350 0.07 4.94 23.52
N LYS A 351 -0.69 3.90 23.21
CA LYS A 351 -0.59 2.69 24.01
C LYS A 351 0.23 1.58 23.39
N TYR A 352 0.81 1.82 22.22
CA TYR A 352 1.60 0.79 21.55
C TYR A 352 2.71 1.32 20.65
N ILE A 353 3.52 0.40 20.12
CA ILE A 353 4.62 0.73 19.23
C ILE A 353 4.48 -0.01 17.92
N ARG A 354 5.26 0.38 16.91
CA ARG A 354 5.21 -0.29 15.62
C ARG A 354 6.58 -0.52 15.02
N ILE A 355 6.78 -1.72 14.46
CA ILE A 355 8.05 -2.08 13.85
C ILE A 355 7.84 -2.45 12.38
N GLY A 356 8.84 -2.13 11.55
CA GLY A 356 8.75 -2.38 10.12
C GLY A 356 8.85 -3.77 9.52
N HIS A 357 10.05 -4.26 9.34
CA HIS A 357 10.31 -5.55 8.70
C HIS A 357 9.61 -5.80 7.35
N MSE A 358 10.07 -5.05 6.34
CA MSE A 358 9.60 -5.15 4.96
C MSE A 358 10.80 -5.00 4.04
O MSE A 358 11.82 -4.44 4.44
CB MSE A 358 8.58 -4.04 4.63
CG MSE A 358 7.22 -4.24 5.25
SE MSE A 358 5.83 -3.06 4.55
CE MSE A 358 6.05 -1.54 5.73
N GLY A 359 10.69 -5.51 2.83
CA GLY A 359 11.76 -5.41 1.87
C GLY A 359 13.03 -6.11 2.30
N VAL A 360 14.16 -5.56 1.90
CA VAL A 360 15.45 -6.14 2.22
C VAL A 360 15.61 -6.50 3.69
N THR A 361 14.95 -5.78 4.57
CA THR A 361 15.12 -6.09 5.98
C THR A 361 14.32 -7.32 6.39
N ALA A 362 13.30 -7.66 5.62
CA ALA A 362 12.48 -8.84 5.91
C ALA A 362 13.08 -10.02 5.16
N CYS A 363 13.43 -9.78 3.90
CA CYS A 363 14.05 -10.78 3.04
C CYS A 363 15.52 -10.56 3.29
N ASN A 364 16.40 -11.22 2.55
CA ASN A 364 17.83 -11.02 2.77
C ASN A 364 18.15 -11.38 4.21
N LYS A 365 18.30 -12.68 4.47
CA LYS A 365 18.58 -13.17 5.82
C LYS A 365 20.00 -12.91 6.31
N ASN A 366 20.61 -11.83 5.86
CA ASN A 366 21.95 -11.50 6.31
C ASN A 366 21.93 -10.23 7.14
N LEU A 367 20.84 -9.46 7.00
CA LEU A 367 20.68 -8.23 7.75
C LEU A 367 20.21 -8.60 9.17
N PRO A 368 21.02 -8.28 10.20
CA PRO A 368 20.71 -8.58 11.60
C PRO A 368 19.74 -7.56 12.20
N TYR A 369 19.27 -6.65 11.36
CA TYR A 369 18.37 -5.59 11.76
C TYR A 369 17.27 -5.98 12.75
N MSE A 370 16.52 -7.03 12.42
CA MSE A 370 15.43 -7.46 13.24
C MSE A 370 15.82 -8.26 14.47
O MSE A 370 15.18 -8.13 15.52
CB MSE A 370 14.45 -8.24 12.38
CG MSE A 370 13.84 -7.36 11.32
SE MSE A 370 12.34 -6.39 12.01
CE MSE A 370 13.19 -4.96 12.90
N LYS A 371 16.83 -9.10 14.37
CA LYS A 371 17.25 -9.85 15.55
C LYS A 371 17.65 -8.79 16.58
N ASN A 372 18.45 -7.81 16.16
CA ASN A 372 18.89 -6.73 17.03
C ASN A 372 17.72 -5.90 17.54
N CYS A 373 16.72 -5.70 16.69
CA CYS A 373 15.56 -4.92 17.09
C CYS A 373 14.90 -5.61 18.27
N PHE A 374 14.61 -6.89 18.11
CA PHE A 374 13.98 -7.65 19.18
C PHE A 374 14.84 -7.66 20.45
N ASP A 375 16.13 -7.93 20.30
CA ASP A 375 17.03 -7.95 21.44
C ASP A 375 16.91 -6.66 22.24
N LEU A 376 16.82 -5.55 21.52
CA LEU A 376 16.69 -4.24 22.14
C LEU A 376 15.36 -4.06 22.84
N ILE A 377 14.26 -4.42 22.19
CA ILE A 377 12.95 -4.27 22.81
C ILE A 377 12.94 -5.15 24.05
N LYS A 378 13.51 -6.35 23.91
CA LYS A 378 13.62 -7.32 24.99
C LYS A 378 14.26 -6.63 26.18
N LEU A 379 15.37 -5.94 25.93
CA LEU A 379 16.11 -5.23 26.96
C LEU A 379 15.37 -3.99 27.44
N ALA A 380 14.65 -3.35 26.53
CA ALA A 380 13.91 -2.14 26.88
C ALA A 380 12.86 -2.45 27.95
N LEU A 381 12.26 -3.62 27.86
CA LEU A 381 11.23 -4.02 28.82
C LEU A 381 11.81 -4.54 30.13
N GLN A 382 13.14 -4.55 30.22
CA GLN A 382 13.85 -5.01 31.41
C GLN A 382 13.75 -4.01 32.56
N ARG A 383 13.63 -2.72 32.22
CA ARG A 383 13.53 -1.67 33.22
C ARG A 383 12.08 -1.51 33.67
N LYS A 384 11.80 -0.65 34.54
N1 PLP B . -2.32 3.84 3.49
C2 PLP B . -1.71 2.80 4.20
C2A PLP B . -2.55 1.56 4.41
C3 PLP B . -0.31 3.04 4.66
O3 PLP B . 0.21 2.01 5.32
C4 PLP B . 0.37 4.26 4.37
C4A PLP B . 1.83 4.35 4.79
C5 PLP B . -0.47 5.36 3.61
C6 PLP B . -1.77 5.09 3.19
C5A PLP B . 0.12 6.73 3.32
O4P PLP B . 1.18 6.66 2.42
P PLP B . 2.05 8.00 2.16
O1P PLP B . 3.07 7.46 1.25
O2P PLP B . 2.56 8.44 3.54
O3P PLP B . 1.17 9.01 1.56
C1 GLV C . 3.36 6.96 8.61
O1 GLV C . 3.55 7.77 9.52
C2 GLV C . 2.85 5.59 8.92
O2 GLV C . 2.67 4.79 8.00
O3 GLV C . 2.60 5.24 10.18
#